data_4PP9
#
_entry.id   4PP9
#
_cell.length_a   55.039
_cell.length_b   104.090
_cell.length_c   57.313
_cell.angle_alpha   90.00
_cell.angle_beta   110.21
_cell.angle_gamma   90.00
#
_symmetry.space_group_name_H-M   'P 1 21 1'
#
loop_
_entity.id
_entity.type
_entity.pdbx_description
1 polymer 'Tyrosine-protein kinase ITK/TSK'
2 non-polymer 'SULFATE ION'
3 non-polymer N-[1-(3-cyanobenzyl)-1H-pyrazol-4-yl]-2H-indazole-3-carboxamide
4 water water
#
_entity_poly.entity_id   1
_entity_poly.type   'polypeptide(L)'
_entity_poly.pdbx_seq_one_letter_code
;GSVIDPSELTFVQEIGSGQFGLVHLGYWLNKDKVAIKTIREGAMSEEDFIEEAEVMMKLSHPKLVQLYGVCLEQAPICLV
FEFMEHGCLSDYLRTQRGLFAAETLLGMCLDVCEGMAYLEEACVIHRDLAARNCLVGENQVIKVSDFGMTRFVLDDQETS
STGTKFPVKWASPEVFSFSRYSSKSDVWSFGVLMWEVFSEGKIPYENRSNSEVVEDISTGFRLYKPRLASTHVYQIMNHC
WKERPEDRPAFSRLLRQLAEIAESGL
;
_entity_poly.pdbx_strand_id   A,B
#
loop_
_chem_comp.id
_chem_comp.type
_chem_comp.name
_chem_comp.formula
2VT non-polymer N-[1-(3-cyanobenzyl)-1H-pyrazol-4-yl]-2H-indazole-3-carboxamide 'C19 H14 N6 O'
SO4 non-polymer 'SULFATE ION' 'O4 S -2'
#
# COMPACT_ATOMS: atom_id res chain seq x y z
N SER A 2 8.91 1.22 -10.89
CA SER A 2 8.33 1.32 -12.25
C SER A 2 8.48 2.71 -12.89
N VAL A 3 8.74 2.74 -14.22
CA VAL A 3 8.89 3.98 -15.01
C VAL A 3 7.58 4.31 -15.72
N ILE A 4 7.17 5.59 -15.64
CA ILE A 4 5.96 6.13 -16.25
C ILE A 4 6.33 7.19 -17.31
N ASP A 5 5.67 7.16 -18.49
CA ASP A 5 5.90 8.13 -19.56
C ASP A 5 5.01 9.37 -19.41
N PRO A 6 5.49 10.58 -19.80
CA PRO A 6 4.64 11.79 -19.67
C PRO A 6 3.35 11.76 -20.50
N SER A 7 3.35 11.00 -21.60
CA SER A 7 2.22 10.80 -22.51
C SER A 7 1.12 9.94 -21.86
N GLU A 8 1.48 9.16 -20.82
CA GLU A 8 0.59 8.29 -20.05
C GLU A 8 -0.18 9.08 -18.97
N LEU A 9 0.25 10.33 -18.71
CA LEU A 9 -0.35 11.19 -17.68
C LEU A 9 -1.19 12.30 -18.28
N THR A 10 -2.36 12.57 -17.66
CA THR A 10 -3.33 13.60 -18.04
C THR A 10 -3.45 14.56 -16.85
N PHE A 11 -2.89 15.77 -16.95
CA PHE A 11 -2.95 16.76 -15.87
C PHE A 11 -4.32 17.41 -15.88
N VAL A 12 -5.16 17.11 -14.89
CA VAL A 12 -6.55 17.60 -14.82
C VAL A 12 -6.61 18.97 -14.14
N GLN A 13 -6.00 19.13 -12.95
CA GLN A 13 -5.98 20.40 -12.21
C GLN A 13 -4.83 20.49 -11.18
N GLU A 14 -4.51 21.72 -10.73
CA GLU A 14 -3.49 22.04 -9.74
C GLU A 14 -4.15 21.94 -8.36
N ILE A 15 -3.58 21.14 -7.44
CA ILE A 15 -4.20 20.88 -6.13
C ILE A 15 -3.31 21.25 -4.91
N GLY A 16 -2.08 21.66 -5.16
CA GLY A 16 -1.15 22.05 -4.10
C GLY A 16 0.22 22.51 -4.57
N SER A 17 0.87 23.32 -3.75
CA SER A 17 2.23 23.81 -4.00
C SER A 17 3.00 23.86 -2.70
N GLY A 18 3.92 22.91 -2.56
CA GLY A 18 4.78 22.78 -1.40
C GLY A 18 6.16 23.35 -1.69
N GLN A 19 7.06 23.27 -0.71
CA GLN A 19 8.42 23.78 -0.80
C GLN A 19 9.25 23.04 -1.85
N PHE A 20 8.95 21.74 -2.08
CA PHE A 20 9.69 20.89 -3.02
C PHE A 20 9.01 20.67 -4.38
N GLY A 21 7.78 21.15 -4.53
CA GLY A 21 7.09 21.03 -5.81
C GLY A 21 5.59 21.21 -5.82
N LEU A 22 5.03 21.25 -7.05
CA LEU A 22 3.60 21.38 -7.34
C LEU A 22 2.95 20.01 -7.43
N VAL A 23 1.75 19.88 -6.82
CA VAL A 23 0.94 18.68 -6.83
C VAL A 23 -0.29 18.91 -7.73
N HIS A 24 -0.55 17.96 -8.63
CA HIS A 24 -1.66 18.00 -9.58
C HIS A 24 -2.54 16.78 -9.43
N LEU A 25 -3.85 16.95 -9.72
CA LEU A 25 -4.80 15.86 -9.79
C LEU A 25 -4.76 15.42 -11.26
N GLY A 26 -4.51 14.14 -11.48
CA GLY A 26 -4.43 13.61 -12.82
C GLY A 26 -4.89 12.17 -12.95
N TYR A 27 -4.66 11.60 -14.14
CA TYR A 27 -4.97 10.22 -14.45
C TYR A 27 -3.80 9.55 -15.13
N TRP A 28 -3.57 8.27 -14.78
CA TRP A 28 -2.50 7.50 -15.41
C TRP A 28 -3.16 6.43 -16.28
N LEU A 29 -2.82 6.43 -17.58
CA LEU A 29 -3.34 5.53 -18.62
C LEU A 29 -4.87 5.64 -18.78
N ASN A 30 -5.42 6.86 -18.54
CA ASN A 30 -6.85 7.21 -18.57
C ASN A 30 -7.67 6.31 -17.66
N LYS A 31 -7.02 5.83 -16.58
CA LYS A 31 -7.57 4.85 -15.65
C LYS A 31 -7.51 5.33 -14.20
N ASP A 32 -6.35 5.13 -13.54
CA ASP A 32 -6.15 5.44 -12.13
C ASP A 32 -6.02 6.92 -11.82
N LYS A 33 -6.78 7.39 -10.81
CA LYS A 33 -6.77 8.77 -10.33
C LYS A 33 -5.48 8.92 -9.55
N VAL A 34 -4.64 9.86 -9.96
CA VAL A 34 -3.32 10.05 -9.33
C VAL A 34 -3.09 11.48 -8.83
N ALA A 35 -2.02 11.63 -8.05
CA ALA A 35 -1.50 12.88 -7.55
C ALA A 35 -0.08 12.93 -8.13
N ILE A 36 0.17 13.94 -8.98
CA ILE A 36 1.45 14.11 -9.65
C ILE A 36 2.23 15.18 -8.93
N LYS A 37 3.42 14.84 -8.42
CA LYS A 37 4.28 15.77 -7.69
C LYS A 37 5.45 16.17 -8.59
N THR A 38 5.28 17.30 -9.31
CA THR A 38 6.30 17.85 -10.20
C THR A 38 7.33 18.59 -9.35
N ILE A 39 8.64 18.35 -9.62
CA ILE A 39 9.76 18.96 -8.88
C ILE A 39 9.83 20.50 -9.05
N ARG A 40 10.31 21.18 -8.00
CA ARG A 40 10.55 22.61 -7.97
C ARG A 40 12.08 22.73 -8.14
N GLU A 41 12.52 23.35 -9.25
CA GLU A 41 13.92 23.53 -9.62
C GLU A 41 14.68 24.38 -8.57
N GLY A 42 15.82 23.86 -8.12
CA GLY A 42 16.66 24.54 -7.14
C GLY A 42 16.33 24.19 -5.69
N ALA A 43 15.03 23.95 -5.39
CA ALA A 43 14.51 23.60 -4.06
C ALA A 43 15.20 22.35 -3.50
N MET A 44 15.50 21.37 -4.37
CA MET A 44 16.20 20.12 -4.07
C MET A 44 16.81 19.54 -5.34
N SER A 45 17.83 18.69 -5.20
CA SER A 45 18.48 18.02 -6.32
C SER A 45 17.51 16.97 -6.91
N GLU A 46 17.57 16.75 -8.25
CA GLU A 46 16.73 15.77 -8.93
C GLU A 46 17.05 14.34 -8.45
N GLU A 47 18.32 14.09 -8.11
CA GLU A 47 18.84 12.82 -7.57
C GLU A 47 18.15 12.49 -6.24
N ASP A 48 18.03 13.50 -5.35
CA ASP A 48 17.40 13.37 -4.04
C ASP A 48 15.87 13.23 -4.14
N PHE A 49 15.28 13.78 -5.22
CA PHE A 49 13.86 13.71 -5.52
C PHE A 49 13.51 12.27 -5.93
N ILE A 50 14.40 11.59 -6.68
CA ILE A 50 14.26 10.19 -7.13
C ILE A 50 14.49 9.26 -5.93
N GLU A 51 15.55 9.53 -5.12
CA GLU A 51 15.92 8.73 -3.95
C GLU A 51 14.80 8.72 -2.90
N GLU A 52 14.12 9.87 -2.71
CA GLU A 52 12.99 10.02 -1.80
C GLU A 52 11.90 8.99 -2.16
N ALA A 53 11.55 8.91 -3.47
CA ALA A 53 10.55 8.01 -4.02
C ALA A 53 11.00 6.54 -4.01
N GLU A 54 12.31 6.29 -4.26
CA GLU A 54 12.98 4.99 -4.30
C GLU A 54 12.86 4.27 -2.95
N VAL A 55 13.06 5.03 -1.87
CA VAL A 55 12.96 4.62 -0.47
C VAL A 55 11.49 4.25 -0.17
N MET A 56 10.56 5.17 -0.50
CA MET A 56 9.10 5.04 -0.28
C MET A 56 8.46 3.82 -0.95
N MET A 57 8.95 3.45 -2.14
CA MET A 57 8.45 2.32 -2.92
C MET A 57 8.83 0.94 -2.31
N LYS A 58 9.82 0.92 -1.40
CA LYS A 58 10.30 -0.30 -0.71
C LYS A 58 9.77 -0.37 0.74
N LEU A 59 8.82 0.53 1.10
CA LEU A 59 8.22 0.61 2.44
C LEU A 59 6.69 0.42 2.32
N SER A 60 6.24 -0.84 2.54
CA SER A 60 4.83 -1.20 2.38
C SER A 60 4.04 -1.39 3.69
N HIS A 61 3.22 -0.37 3.99
CA HIS A 61 2.33 -0.36 5.15
C HIS A 61 1.00 0.30 4.78
N PRO A 62 -0.16 -0.22 5.26
CA PRO A 62 -1.45 0.40 4.91
C PRO A 62 -1.64 1.87 5.31
N LYS A 63 -0.78 2.37 6.22
CA LYS A 63 -0.86 3.73 6.76
C LYS A 63 0.27 4.66 6.24
N LEU A 64 0.93 4.24 5.13
CA LEU A 64 1.96 5.00 4.42
C LEU A 64 1.53 5.14 2.98
N VAL A 65 1.68 6.33 2.39
CA VAL A 65 1.33 6.62 0.98
C VAL A 65 2.10 5.70 0.01
N GLN A 66 1.46 5.36 -1.12
CA GLN A 66 2.03 4.50 -2.15
C GLN A 66 2.19 5.24 -3.48
N LEU A 67 3.24 4.88 -4.23
CA LEU A 67 3.53 5.45 -5.53
C LEU A 67 3.16 4.48 -6.61
N TYR A 68 2.82 5.01 -7.77
CA TYR A 68 2.53 4.24 -8.97
C TYR A 68 3.84 4.11 -9.75
N GLY A 69 4.68 5.15 -9.68
CA GLY A 69 5.98 5.15 -10.34
C GLY A 69 6.64 6.51 -10.52
N VAL A 70 7.74 6.53 -11.30
CA VAL A 70 8.54 7.73 -11.57
C VAL A 70 8.56 8.10 -13.05
N CYS A 71 8.34 9.40 -13.33
CA CYS A 71 8.34 9.99 -14.67
C CYS A 71 9.60 10.86 -14.75
N LEU A 72 10.63 10.35 -15.44
CA LEU A 72 11.94 10.99 -15.54
C LEU A 72 12.28 11.58 -16.90
N GLU A 73 11.66 11.06 -17.98
CA GLU A 73 11.87 11.46 -19.38
C GLU A 73 11.93 12.98 -19.61
N GLN A 74 10.89 13.72 -19.18
CA GLN A 74 10.77 15.16 -19.39
C GLN A 74 10.85 15.95 -18.10
N ALA A 75 11.54 17.10 -18.16
CA ALA A 75 11.65 18.05 -17.05
C ALA A 75 10.53 19.08 -17.24
N PRO A 76 9.77 19.47 -16.19
CA PRO A 76 9.91 19.10 -14.76
C PRO A 76 9.63 17.61 -14.46
N ILE A 77 10.64 16.95 -13.86
CA ILE A 77 10.62 15.55 -13.41
C ILE A 77 9.53 15.42 -12.34
N CYS A 78 8.80 14.29 -12.32
CA CYS A 78 7.70 14.15 -11.37
C CYS A 78 7.55 12.76 -10.76
N LEU A 79 6.85 12.70 -9.62
CA LEU A 79 6.52 11.48 -8.90
C LEU A 79 5.01 11.27 -9.02
N VAL A 80 4.59 10.03 -9.31
CA VAL A 80 3.18 9.71 -9.51
C VAL A 80 2.68 8.88 -8.35
N PHE A 81 1.96 9.51 -7.42
CA PHE A 81 1.44 8.84 -6.24
C PHE A 81 -0.02 8.45 -6.40
N GLU A 82 -0.55 7.65 -5.45
CA GLU A 82 -1.97 7.30 -5.41
C GLU A 82 -2.68 8.58 -4.93
N PHE A 83 -3.91 8.82 -5.39
CA PHE A 83 -4.65 10.01 -4.99
C PHE A 83 -5.29 9.85 -3.62
N MET A 84 -5.11 10.87 -2.76
CA MET A 84 -5.69 10.92 -1.42
C MET A 84 -6.74 12.01 -1.45
N GLU A 85 -7.99 11.58 -1.70
CA GLU A 85 -9.22 12.36 -1.91
C GLU A 85 -9.35 13.67 -1.11
N HIS A 86 -9.15 13.64 0.23
CA HIS A 86 -9.35 14.80 1.11
C HIS A 86 -8.09 15.65 1.37
N GLY A 87 -6.96 15.25 0.78
CA GLY A 87 -5.70 15.98 0.90
C GLY A 87 -5.05 15.89 2.25
N CYS A 88 -4.21 16.89 2.56
CA CYS A 88 -3.42 17.01 3.79
C CYS A 88 -4.31 17.06 5.03
N LEU A 89 -3.84 16.45 6.13
CA LEU A 89 -4.54 16.42 7.41
C LEU A 89 -4.70 17.83 7.96
N SER A 90 -3.65 18.67 7.84
CA SER A 90 -3.65 20.06 8.27
C SER A 90 -4.81 20.83 7.63
N ASP A 91 -4.96 20.71 6.29
CA ASP A 91 -6.02 21.36 5.53
C ASP A 91 -7.38 20.73 5.80
N TYR A 92 -7.43 19.38 5.97
CA TYR A 92 -8.67 18.66 6.24
C TYR A 92 -9.22 18.93 7.64
N LEU A 93 -8.35 19.36 8.58
CA LEU A 93 -8.75 19.71 9.94
C LEU A 93 -9.28 21.15 9.95
N ARG A 94 -8.55 22.09 9.29
CA ARG A 94 -8.91 23.51 9.20
C ARG A 94 -10.33 23.72 8.66
N THR A 95 -10.65 23.06 7.52
CA THR A 95 -12.01 23.00 6.96
C THR A 95 -12.50 21.68 7.54
N GLN A 96 -13.77 21.57 7.95
CA GLN A 96 -14.33 20.40 8.64
C GLN A 96 -14.21 20.56 10.16
N ARG A 97 -13.66 21.71 10.60
CA ARG A 97 -13.52 22.10 12.01
C ARG A 97 -14.92 22.31 12.58
N GLY A 98 -15.18 21.64 13.70
CA GLY A 98 -16.47 21.68 14.39
C GLY A 98 -17.35 20.51 14.02
N LEU A 99 -16.89 19.63 13.11
CA LEU A 99 -17.61 18.44 12.67
C LEU A 99 -17.01 17.15 13.25
N PHE A 100 -15.70 17.16 13.58
CA PHE A 100 -14.99 16.01 14.15
C PHE A 100 -15.38 15.70 15.58
N ALA A 101 -15.37 14.40 15.91
CA ALA A 101 -15.60 13.84 17.24
C ALA A 101 -14.22 13.37 17.74
N ALA A 102 -14.01 13.34 19.08
CA ALA A 102 -12.74 12.91 19.68
C ALA A 102 -12.35 11.44 19.33
N GLU A 103 -13.35 10.62 18.97
CA GLU A 103 -13.18 9.23 18.56
C GLU A 103 -12.51 9.19 17.17
N THR A 104 -12.89 10.12 16.28
CA THR A 104 -12.33 10.24 14.93
C THR A 104 -10.88 10.74 15.00
N LEU A 105 -10.64 11.81 15.76
CA LEU A 105 -9.33 12.45 15.95
C LEU A 105 -8.29 11.49 16.53
N LEU A 106 -8.68 10.68 17.53
CA LEU A 106 -7.81 9.67 18.15
C LEU A 106 -7.46 8.58 17.14
N GLY A 107 -8.45 8.20 16.31
CA GLY A 107 -8.31 7.22 15.24
C GLY A 107 -7.31 7.65 14.18
N MET A 108 -7.18 8.98 13.98
CA MET A 108 -6.24 9.59 13.04
C MET A 108 -4.82 9.45 13.58
N CYS A 109 -4.62 9.73 14.89
CA CYS A 109 -3.35 9.59 15.61
C CYS A 109 -2.90 8.14 15.56
N LEU A 110 -3.84 7.21 15.77
CA LEU A 110 -3.60 5.78 15.71
C LEU A 110 -3.14 5.34 14.31
N ASP A 111 -3.77 5.90 13.23
CA ASP A 111 -3.40 5.65 11.83
C ASP A 111 -1.92 6.04 11.61
N VAL A 112 -1.55 7.26 12.02
CA VAL A 112 -0.19 7.82 11.90
C VAL A 112 0.81 7.02 12.75
N CYS A 113 0.43 6.64 13.98
CA CYS A 113 1.27 5.85 14.90
C CYS A 113 1.56 4.45 14.36
N GLU A 114 0.57 3.81 13.71
CA GLU A 114 0.71 2.51 13.06
C GLU A 114 1.78 2.63 11.98
N GLY A 115 1.70 3.69 11.17
CA GLY A 115 2.64 3.99 10.11
C GLY A 115 4.04 4.27 10.65
N MET A 116 4.13 5.15 11.66
CA MET A 116 5.37 5.52 12.31
C MET A 116 6.08 4.36 13.01
N ALA A 117 5.33 3.45 13.67
CA ALA A 117 5.87 2.26 14.31
C ALA A 117 6.51 1.35 13.28
N TYR A 118 5.97 1.33 12.04
CA TYR A 118 6.50 0.56 10.92
C TYR A 118 7.86 1.14 10.48
N LEU A 119 7.91 2.48 10.24
CA LEU A 119 9.15 3.16 9.85
C LEU A 119 10.22 3.07 10.93
N GLU A 120 9.81 3.06 12.21
CA GLU A 120 10.67 2.94 13.39
C GLU A 120 11.36 1.56 13.40
N GLU A 121 10.60 0.50 13.12
CA GLU A 121 11.10 -0.88 13.06
C GLU A 121 12.03 -1.02 11.86
N ALA A 122 11.76 -0.23 10.80
CA ALA A 122 12.52 -0.18 9.56
C ALA A 122 13.76 0.73 9.68
N CYS A 123 13.97 1.35 10.86
CA CYS A 123 15.06 2.29 11.19
C CYS A 123 15.09 3.50 10.25
N VAL A 124 13.90 3.91 9.80
CA VAL A 124 13.67 5.05 8.92
C VAL A 124 13.19 6.20 9.80
N ILE A 125 13.92 7.32 9.77
CA ILE A 125 13.59 8.53 10.54
C ILE A 125 12.86 9.48 9.60
N HIS A 126 11.65 9.94 9.99
CA HIS A 126 10.84 10.85 9.17
C HIS A 126 11.45 12.27 9.07
N ARG A 127 11.88 12.85 10.22
CA ARG A 127 12.51 14.19 10.38
C ARG A 127 11.55 15.37 10.20
N ASP A 128 10.34 15.17 9.65
CA ASP A 128 9.36 16.25 9.43
C ASP A 128 7.89 15.77 9.60
N LEU A 129 7.63 15.00 10.67
CA LEU A 129 6.28 14.51 10.93
C LEU A 129 5.40 15.62 11.52
N ALA A 130 4.43 16.10 10.72
CA ALA A 130 3.45 17.14 11.04
C ALA A 130 2.16 16.79 10.31
N ALA A 131 1.02 17.46 10.66
CA ALA A 131 -0.28 17.20 10.03
C ALA A 131 -0.28 17.51 8.53
N ARG A 132 0.54 18.49 8.10
CA ARG A 132 0.70 18.89 6.70
C ARG A 132 1.36 17.78 5.85
N ASN A 133 2.17 16.90 6.49
CA ASN A 133 2.86 15.77 5.85
C ASN A 133 2.08 14.46 5.94
N CYS A 134 0.79 14.55 6.34
CA CYS A 134 -0.14 13.43 6.47
C CYS A 134 -1.29 13.64 5.52
N LEU A 135 -1.74 12.56 4.86
CA LEU A 135 -2.82 12.64 3.89
C LEU A 135 -4.05 11.81 4.26
N VAL A 136 -5.22 12.43 4.06
CA VAL A 136 -6.56 11.89 4.31
C VAL A 136 -7.11 11.37 2.98
N GLY A 137 -7.57 10.13 2.98
CA GLY A 137 -8.11 9.48 1.80
C GLY A 137 -9.52 8.96 1.97
N GLU A 138 -9.79 7.80 1.36
CA GLU A 138 -11.09 7.09 1.39
C GLU A 138 -11.40 6.62 2.81
N ASN A 139 -12.61 7.02 3.29
CA ASN A 139 -13.16 6.71 4.62
C ASN A 139 -12.30 7.28 5.77
N GLN A 140 -11.75 8.50 5.56
CA GLN A 140 -10.92 9.29 6.49
C GLN A 140 -9.67 8.55 7.02
N VAL A 141 -9.08 7.66 6.21
CA VAL A 141 -7.87 6.93 6.57
C VAL A 141 -6.68 7.87 6.40
N ILE A 142 -5.82 7.95 7.42
CA ILE A 142 -4.63 8.79 7.39
C ILE A 142 -3.39 7.98 6.99
N LYS A 143 -2.65 8.48 6.00
CA LYS A 143 -1.41 7.89 5.53
C LYS A 143 -0.29 8.89 5.70
N VAL A 144 0.89 8.42 6.09
CA VAL A 144 2.05 9.29 6.25
C VAL A 144 2.73 9.40 4.88
N SER A 145 3.19 10.62 4.55
CA SER A 145 3.91 10.94 3.34
C SER A 145 5.20 11.69 3.69
N ASP A 146 6.07 11.95 2.68
CA ASP A 146 7.34 12.67 2.77
C ASP A 146 8.33 11.98 3.74
N PHE A 147 8.48 10.65 3.63
CA PHE A 147 9.39 9.86 4.46
C PHE A 147 10.62 9.34 3.66
N GLY A 148 11.46 10.27 3.21
CA GLY A 148 12.68 9.99 2.46
C GLY A 148 13.95 10.27 3.22
N PRO A 167 11.17 23.97 10.82
CA PRO A 167 10.15 23.22 11.56
C PRO A 167 10.48 23.08 13.05
N VAL A 168 10.88 24.20 13.70
CA VAL A 168 11.25 24.31 15.12
C VAL A 168 10.07 23.89 16.02
N LYS A 169 8.84 24.26 15.61
CA LYS A 169 7.59 23.96 16.32
C LYS A 169 7.33 22.43 16.50
N TRP A 170 7.97 21.56 15.67
CA TRP A 170 7.87 20.10 15.74
C TRP A 170 9.20 19.45 16.20
N ALA A 171 10.26 20.27 16.29
CA ALA A 171 11.60 19.84 16.69
C ALA A 171 11.72 19.58 18.19
N SER A 172 12.44 18.50 18.55
CA SER A 172 12.72 18.12 19.94
C SER A 172 13.99 18.87 20.37
N PRO A 173 14.30 19.00 21.70
CA PRO A 173 15.52 19.73 22.11
C PRO A 173 16.83 19.27 21.46
N GLU A 174 16.98 17.95 21.16
CA GLU A 174 18.17 17.38 20.47
C GLU A 174 18.27 17.97 19.06
N VAL A 175 17.11 18.27 18.44
CA VAL A 175 17.04 18.83 17.08
C VAL A 175 17.31 20.34 17.10
N PHE A 176 16.77 21.08 18.12
CA PHE A 176 16.95 22.53 18.33
C PHE A 176 18.41 22.95 18.35
N SER A 177 19.21 22.26 19.19
CA SER A 177 20.59 22.63 19.47
C SER A 177 21.66 21.70 18.91
N PHE A 178 21.36 20.41 18.70
CA PHE A 178 22.39 19.47 18.26
C PHE A 178 22.07 18.71 16.97
N SER A 179 20.88 18.95 16.36
CA SER A 179 20.38 18.32 15.12
C SER A 179 20.48 16.77 15.14
N ARG A 180 20.23 16.15 16.32
CA ARG A 180 20.29 14.70 16.46
C ARG A 180 18.92 14.04 16.33
N TYR A 181 18.63 13.58 15.11
CA TYR A 181 17.39 12.91 14.75
C TYR A 181 17.43 11.44 15.10
N SER A 182 16.27 10.91 15.52
CA SER A 182 16.07 9.53 15.89
C SER A 182 14.57 9.25 15.79
N SER A 183 14.15 8.00 16.03
CA SER A 183 12.75 7.63 16.07
C SER A 183 12.07 8.38 17.24
N LYS A 184 12.85 8.66 18.31
CA LYS A 184 12.41 9.42 19.49
C LYS A 184 12.21 10.92 19.16
N SER A 185 12.92 11.44 18.12
CA SER A 185 12.77 12.82 17.65
C SER A 185 11.43 12.94 16.94
N ASP A 186 11.03 11.86 16.23
CA ASP A 186 9.75 11.77 15.54
C ASP A 186 8.62 11.61 16.55
N VAL A 187 8.91 11.02 17.72
CA VAL A 187 7.97 10.81 18.82
C VAL A 187 7.52 12.18 19.33
N TRP A 188 8.47 13.09 19.57
CA TRP A 188 8.19 14.47 20.00
C TRP A 188 7.29 15.15 18.95
N SER A 189 7.66 15.03 17.64
CA SER A 189 6.94 15.56 16.48
C SER A 189 5.52 15.03 16.45
N PHE A 190 5.35 13.71 16.71
CA PHE A 190 4.06 13.04 16.76
C PHE A 190 3.19 13.63 17.88
N GLY A 191 3.82 13.98 19.01
CA GLY A 191 3.17 14.63 20.14
C GLY A 191 2.57 15.96 19.71
N VAL A 192 3.34 16.72 18.91
CA VAL A 192 2.93 18.00 18.33
C VAL A 192 1.82 17.76 17.27
N LEU A 193 1.96 16.70 16.43
CA LEU A 193 0.97 16.30 15.42
C LEU A 193 -0.37 15.94 16.12
N MET A 194 -0.28 15.31 17.30
CA MET A 194 -1.42 14.94 18.13
C MET A 194 -2.15 16.21 18.58
N TRP A 195 -1.38 17.25 18.97
CA TRP A 195 -1.91 18.55 19.38
C TRP A 195 -2.61 19.20 18.20
N GLU A 196 -1.99 19.12 16.99
CA GLU A 196 -2.56 19.64 15.73
C GLU A 196 -3.92 19.01 15.46
N VAL A 197 -3.97 17.66 15.57
CA VAL A 197 -5.18 16.87 15.37
C VAL A 197 -6.28 17.23 16.37
N PHE A 198 -5.95 17.23 17.68
CA PHE A 198 -6.94 17.54 18.72
C PHE A 198 -7.28 19.05 18.81
N SER A 199 -6.51 19.93 18.10
CA SER A 199 -6.76 21.37 18.04
C SER A 199 -7.49 21.75 16.75
N GLU A 200 -7.84 20.74 15.93
CA GLU A 200 -8.56 20.83 14.65
C GLU A 200 -7.84 21.71 13.62
N GLY A 201 -6.51 21.52 13.50
CA GLY A 201 -5.69 22.22 12.52
C GLY A 201 -4.94 23.45 12.97
N LYS A 202 -5.20 23.95 14.21
CA LYS A 202 -4.54 25.13 14.80
C LYS A 202 -2.99 25.05 14.76
N ILE A 203 -2.34 26.22 14.78
CA ILE A 203 -0.88 26.28 14.71
C ILE A 203 -0.25 26.13 16.10
N PRO A 204 0.68 25.17 16.27
CA PRO A 204 1.39 25.06 17.55
C PRO A 204 2.23 26.32 17.79
N TYR A 205 2.22 26.86 19.02
CA TYR A 205 2.96 28.07 19.42
C TYR A 205 2.60 29.27 18.49
N GLU A 206 1.27 29.51 18.34
CA GLU A 206 0.53 30.48 17.53
C GLU A 206 1.33 31.73 17.03
N ASN A 207 1.73 32.65 17.94
CA ASN A 207 2.45 33.88 17.57
C ASN A 207 3.86 33.98 18.20
N ARG A 208 4.44 32.80 18.51
CA ARG A 208 5.75 32.63 19.12
C ARG A 208 6.85 32.54 18.06
N SER A 209 8.04 33.12 18.34
CA SER A 209 9.18 33.06 17.42
C SER A 209 9.99 31.78 17.66
N ASN A 210 10.93 31.44 16.75
CA ASN A 210 11.82 30.27 16.85
C ASN A 210 12.63 30.30 18.14
N SER A 211 13.16 31.48 18.50
CA SER A 211 13.95 31.73 19.71
C SER A 211 13.09 31.54 20.95
N GLU A 212 11.81 31.97 20.88
CA GLU A 212 10.83 31.90 21.97
C GLU A 212 10.38 30.47 22.24
N VAL A 213 10.19 29.65 21.17
CA VAL A 213 9.80 28.23 21.25
C VAL A 213 10.88 27.43 22.01
N VAL A 214 12.18 27.65 21.65
CA VAL A 214 13.35 27.02 22.26
C VAL A 214 13.41 27.36 23.76
N GLU A 215 13.27 28.66 24.11
CA GLU A 215 13.31 29.16 25.49
C GLU A 215 12.21 28.57 26.38
N ASP A 216 10.94 28.58 25.92
CA ASP A 216 9.80 28.04 26.68
C ASP A 216 9.92 26.54 26.96
N ILE A 217 10.31 25.75 25.93
CA ILE A 217 10.51 24.30 26.06
C ILE A 217 11.69 23.99 26.99
N SER A 218 12.82 24.72 26.83
CA SER A 218 14.03 24.58 27.65
C SER A 218 13.77 24.87 29.12
N THR A 219 12.82 25.77 29.42
CA THR A 219 12.45 26.12 30.79
C THR A 219 11.45 25.11 31.37
N GLY A 220 10.86 24.28 30.52
CA GLY A 220 9.92 23.24 30.93
C GLY A 220 8.49 23.36 30.47
N PHE A 221 8.15 24.48 29.79
CA PHE A 221 6.80 24.74 29.29
C PHE A 221 6.49 23.87 28.09
N ARG A 222 5.21 23.53 27.91
CA ARG A 222 4.73 22.70 26.82
C ARG A 222 3.35 23.16 26.38
N LEU A 223 2.93 22.76 25.16
CA LEU A 223 1.64 23.10 24.56
C LEU A 223 0.51 22.78 25.53
N TYR A 224 -0.46 23.69 25.64
CA TYR A 224 -1.62 23.52 26.53
C TYR A 224 -2.51 22.35 26.07
N LYS A 225 -3.32 21.82 27.00
CA LYS A 225 -4.28 20.74 26.73
C LYS A 225 -5.37 21.28 25.75
N PRO A 226 -5.49 20.72 24.52
CA PRO A 226 -6.54 21.18 23.61
C PRO A 226 -7.93 20.77 24.08
N ARG A 227 -8.94 21.65 23.90
CA ARG A 227 -10.34 21.44 24.32
C ARG A 227 -10.88 20.01 24.09
N LEU A 228 -10.80 19.50 22.83
CA LEU A 228 -11.29 18.19 22.43
C LEU A 228 -10.48 17.01 22.98
N ALA A 229 -9.21 17.26 23.38
CA ALA A 229 -8.37 16.23 23.95
C ALA A 229 -8.77 15.98 25.40
N SER A 230 -8.66 14.73 25.85
CA SER A 230 -8.97 14.37 27.23
C SER A 230 -7.70 14.56 28.08
N THR A 231 -7.77 14.25 29.37
CA THR A 231 -6.61 14.33 30.25
C THR A 231 -5.63 13.21 29.88
N HIS A 232 -6.20 12.04 29.51
CA HIS A 232 -5.50 10.82 29.07
C HIS A 232 -4.74 11.05 27.76
N VAL A 233 -5.36 11.76 26.80
CA VAL A 233 -4.75 12.11 25.51
C VAL A 233 -3.52 13.00 25.74
N TYR A 234 -3.66 14.02 26.60
CA TYR A 234 -2.62 14.98 27.00
C TYR A 234 -1.48 14.30 27.75
N GLN A 235 -1.81 13.26 28.55
CA GLN A 235 -0.85 12.44 29.32
C GLN A 235 0.16 11.79 28.35
N ILE A 236 -0.35 11.27 27.21
CA ILE A 236 0.45 10.65 26.14
C ILE A 236 1.27 11.72 25.38
N MET A 237 0.64 12.88 25.09
CA MET A 237 1.28 14.02 24.43
C MET A 237 2.54 14.44 25.22
N ASN A 238 2.39 14.56 26.55
CA ASN A 238 3.44 14.93 27.49
C ASN A 238 4.50 13.84 27.65
N HIS A 239 4.14 12.56 27.36
CA HIS A 239 5.09 11.44 27.38
C HIS A 239 5.98 11.56 26.15
N CYS A 240 5.44 12.08 25.03
CA CYS A 240 6.18 12.34 23.80
C CYS A 240 7.04 13.58 23.96
N TRP A 241 6.67 14.50 24.86
CA TRP A 241 7.39 15.76 25.09
C TRP A 241 8.37 15.74 26.25
N LYS A 242 8.96 14.56 26.52
CA LYS A 242 9.96 14.45 27.59
C LYS A 242 11.29 14.98 27.07
N GLU A 243 11.90 15.93 27.83
CA GLU A 243 13.18 16.59 27.53
C GLU A 243 14.23 15.58 27.02
N ARG A 244 14.40 14.46 27.76
CA ARG A 244 15.31 13.39 27.43
C ARG A 244 14.60 12.39 26.51
N PRO A 245 15.23 11.93 25.40
CA PRO A 245 14.55 11.00 24.49
C PRO A 245 14.33 9.59 25.04
N GLU A 246 15.17 9.15 26.00
CA GLU A 246 15.07 7.82 26.62
C GLU A 246 13.80 7.67 27.48
N ASP A 247 13.21 8.80 27.90
CA ASP A 247 12.00 8.84 28.72
C ASP A 247 10.74 8.97 27.87
N ARG A 248 10.92 8.96 26.54
CA ARG A 248 9.84 9.03 25.55
C ARG A 248 9.56 7.61 25.10
N PRO A 249 8.29 7.25 24.88
CA PRO A 249 8.01 5.88 24.45
C PRO A 249 8.36 5.70 22.99
N ALA A 250 8.73 4.46 22.61
CA ALA A 250 8.96 4.13 21.22
C ALA A 250 7.57 4.08 20.58
N PHE A 251 7.47 4.26 19.25
CA PHE A 251 6.20 4.22 18.53
C PHE A 251 5.45 2.89 18.73
N SER A 252 6.17 1.76 18.93
CA SER A 252 5.55 0.46 19.20
C SER A 252 4.83 0.49 20.57
N ARG A 253 5.44 1.12 21.61
CA ARG A 253 4.80 1.26 22.93
C ARG A 253 3.65 2.27 22.85
N LEU A 254 3.89 3.40 22.12
CA LEU A 254 2.96 4.50 21.89
C LEU A 254 1.63 4.02 21.26
N LEU A 255 1.71 3.10 20.29
CA LEU A 255 0.57 2.54 19.57
C LEU A 255 -0.39 1.79 20.49
N ARG A 256 0.15 1.03 21.46
CA ARG A 256 -0.62 0.28 22.45
C ARG A 256 -1.23 1.22 23.48
N GLN A 257 -0.53 2.33 23.81
CA GLN A 257 -0.98 3.36 24.76
C GLN A 257 -2.25 4.06 24.25
N LEU A 258 -2.27 4.42 22.94
CA LEU A 258 -3.40 5.10 22.28
C LEU A 258 -4.61 4.19 22.12
N ALA A 259 -4.38 2.92 21.77
CA ALA A 259 -5.39 1.89 21.59
C ALA A 259 -6.14 1.61 22.90
N GLU A 260 -5.44 1.73 24.05
CA GLU A 260 -5.97 1.53 25.40
C GLU A 260 -7.12 2.48 25.72
N ILE A 261 -7.03 3.75 25.25
CA ILE A 261 -8.03 4.81 25.43
C ILE A 261 -9.08 4.73 24.31
N ALA A 262 -8.70 4.22 23.12
CA ALA A 262 -9.57 4.07 21.95
C ALA A 262 -10.80 3.20 22.22
N GLU A 263 -10.60 2.03 22.85
CA GLU A 263 -11.67 1.09 23.18
C GLU A 263 -12.40 1.43 24.49
N SER A 264 -11.70 2.12 25.43
CA SER A 264 -12.27 2.52 26.72
C SER A 264 -12.63 4.03 26.77
N GLY A 265 -12.61 4.62 27.97
CA GLY A 265 -12.91 6.02 28.21
C GLY A 265 -12.64 6.46 29.64
N SER B 2 7.00 -4.98 11.30
CA SER B 2 6.45 -4.80 12.64
C SER B 2 5.84 -6.08 13.25
N VAL B 3 5.95 -6.25 14.59
CA VAL B 3 5.42 -7.42 15.29
C VAL B 3 4.10 -7.06 16.01
N ILE B 4 3.12 -7.98 15.93
CA ILE B 4 1.78 -7.88 16.50
C ILE B 4 1.57 -8.99 17.54
N ASP B 5 1.04 -8.63 18.73
CA ASP B 5 0.77 -9.59 19.81
C ASP B 5 -0.57 -10.33 19.60
N PRO B 6 -0.69 -11.62 19.99
CA PRO B 6 -1.96 -12.35 19.79
C PRO B 6 -3.16 -11.76 20.53
N SER B 7 -2.90 -11.01 21.63
CA SER B 7 -3.90 -10.34 22.45
C SER B 7 -4.51 -9.12 21.73
N GLU B 8 -3.81 -8.62 20.69
CA GLU B 8 -4.21 -7.48 19.86
C GLU B 8 -5.12 -7.90 18.68
N LEU B 9 -5.43 -9.22 18.57
CA LEU B 9 -6.25 -9.76 17.50
C LEU B 9 -7.56 -10.37 17.99
N THR B 10 -8.68 -9.98 17.33
CA THR B 10 -10.04 -10.42 17.60
C THR B 10 -10.51 -11.24 16.40
N PHE B 11 -10.51 -12.58 16.53
CA PHE B 11 -10.93 -13.49 15.45
C PHE B 11 -12.46 -13.47 15.34
N VAL B 12 -12.99 -12.81 14.30
CA VAL B 12 -14.44 -12.66 14.12
C VAL B 12 -15.04 -13.86 13.41
N GLN B 13 -14.55 -14.21 12.21
CA GLN B 13 -15.05 -15.36 11.44
C GLN B 13 -14.03 -15.93 10.45
N GLU B 14 -14.20 -17.22 10.14
CA GLU B 14 -13.38 -17.99 9.20
C GLU B 14 -13.85 -17.63 7.78
N ILE B 15 -12.95 -17.11 6.92
CA ILE B 15 -13.34 -16.65 5.58
C ILE B 15 -12.67 -17.43 4.42
N GLY B 16 -11.64 -18.22 4.71
CA GLY B 16 -10.95 -18.98 3.68
C GLY B 16 -10.04 -20.10 4.16
N SER B 17 -9.92 -21.14 3.32
CA SER B 17 -9.06 -22.28 3.58
C SER B 17 -8.23 -22.57 2.33
N GLY B 18 -6.94 -22.27 2.44
CA GLY B 18 -5.96 -22.46 1.38
C GLY B 18 -5.02 -23.59 1.70
N GLN B 19 -4.18 -23.97 0.72
CA GLN B 19 -3.22 -25.07 0.87
C GLN B 19 -2.13 -24.77 1.90
N PHE B 20 -1.86 -23.47 2.18
CA PHE B 20 -0.80 -23.08 3.12
C PHE B 20 -1.33 -22.55 4.46
N GLY B 21 -2.62 -22.22 4.52
CA GLY B 21 -3.22 -21.75 5.76
C GLY B 21 -4.67 -21.29 5.72
N LEU B 22 -5.23 -21.06 6.94
CA LEU B 22 -6.59 -20.57 7.17
C LEU B 22 -6.61 -19.04 7.25
N VAL B 23 -7.61 -18.43 6.63
CA VAL B 23 -7.80 -16.97 6.64
C VAL B 23 -9.03 -16.64 7.48
N HIS B 24 -8.90 -15.60 8.34
CA HIS B 24 -9.95 -15.09 9.22
C HIS B 24 -10.18 -13.59 9.04
N LEU B 25 -11.45 -13.15 9.18
CA LEU B 25 -11.81 -11.74 9.20
C LEU B 25 -11.65 -11.34 10.67
N GLY B 26 -10.78 -10.37 10.93
CA GLY B 26 -10.52 -9.91 12.28
C GLY B 26 -10.36 -8.41 12.42
N TYR B 27 -10.03 -7.97 13.62
CA TYR B 27 -9.80 -6.57 13.94
C TYR B 27 -8.52 -6.43 14.73
N TRP B 28 -7.63 -5.52 14.30
CA TRP B 28 -6.37 -5.30 15.01
C TRP B 28 -6.52 -4.06 15.89
N LEU B 29 -6.31 -4.24 17.20
CA LEU B 29 -6.43 -3.20 18.24
C LEU B 29 -7.86 -2.62 18.32
N ASN B 30 -8.89 -3.47 18.02
CA ASN B 30 -10.33 -3.11 18.00
C ASN B 30 -10.58 -1.98 16.99
N LYS B 31 -9.69 -1.89 15.98
CA LYS B 31 -9.75 -0.80 15.03
C LYS B 31 -9.71 -1.24 13.56
N ASP B 32 -8.52 -1.60 13.05
CA ASP B 32 -8.34 -1.95 11.66
C ASP B 32 -8.91 -3.30 11.31
N LYS B 33 -9.82 -3.33 10.32
CA LYS B 33 -10.45 -4.55 9.81
C LYS B 33 -9.34 -5.29 9.07
N VAL B 34 -8.98 -6.48 9.54
CA VAL B 34 -7.87 -7.25 8.98
C VAL B 34 -8.28 -8.63 8.43
N ALA B 35 -7.32 -9.30 7.77
CA ALA B 35 -7.42 -10.66 7.26
C ALA B 35 -6.22 -11.38 7.84
N ILE B 36 -6.49 -12.26 8.81
CA ILE B 36 -5.45 -13.01 9.52
C ILE B 36 -5.21 -14.34 8.82
N LYS B 37 -3.98 -14.57 8.33
CA LYS B 37 -3.59 -15.79 7.66
C LYS B 37 -2.78 -16.68 8.62
N THR B 38 -3.44 -17.67 9.20
CA THR B 38 -2.86 -18.63 10.13
C THR B 38 -2.18 -19.74 9.33
N ILE B 39 -0.95 -20.13 9.75
CA ILE B 39 -0.19 -21.21 9.09
C ILE B 39 -0.89 -22.58 9.30
N ARG B 40 -0.55 -23.57 8.47
CA ARG B 40 -1.08 -24.91 8.61
C ARG B 40 -0.16 -25.61 9.65
N GLU B 41 0.69 -26.56 9.21
CA GLU B 41 1.70 -27.33 9.96
C GLU B 41 2.14 -28.44 9.03
N GLY B 42 3.37 -28.34 8.53
CA GLY B 42 3.91 -29.31 7.59
C GLY B 42 3.64 -28.96 6.14
N ALA B 43 2.76 -27.96 5.88
CA ALA B 43 2.44 -27.47 4.53
C ALA B 43 3.67 -26.71 4.02
N MET B 44 4.28 -25.92 4.92
CA MET B 44 5.52 -25.15 4.72
C MET B 44 6.18 -24.89 6.07
N SER B 45 7.50 -24.60 6.04
CA SER B 45 8.28 -24.28 7.23
C SER B 45 7.85 -22.92 7.77
N GLU B 46 7.94 -22.70 9.11
CA GLU B 46 7.61 -21.43 9.76
C GLU B 46 8.54 -20.31 9.26
N GLU B 47 9.79 -20.69 8.89
CA GLU B 47 10.85 -19.86 8.31
C GLU B 47 10.36 -19.32 6.95
N ASP B 48 9.85 -20.23 6.09
CA ASP B 48 9.33 -19.91 4.76
C ASP B 48 8.05 -19.07 4.81
N PHE B 49 7.25 -19.19 5.88
CA PHE B 49 6.02 -18.44 6.10
C PHE B 49 6.37 -16.99 6.47
N ILE B 50 7.35 -16.80 7.39
CA ILE B 50 7.85 -15.50 7.86
C ILE B 50 8.57 -14.76 6.73
N GLU B 51 9.50 -15.45 6.01
CA GLU B 51 10.25 -14.86 4.90
C GLU B 51 9.33 -14.35 3.79
N GLU B 52 8.23 -15.09 3.51
CA GLU B 52 7.21 -14.74 2.51
C GLU B 52 6.66 -13.32 2.80
N ALA B 53 6.21 -13.10 4.05
CA ALA B 53 5.66 -11.84 4.55
C ALA B 53 6.72 -10.72 4.56
N GLU B 54 7.96 -11.07 4.94
CA GLU B 54 9.13 -10.19 5.01
C GLU B 54 9.45 -9.54 3.65
N VAL B 55 9.26 -10.30 2.55
CA VAL B 55 9.44 -9.87 1.18
C VAL B 55 8.34 -8.84 0.82
N MET B 56 7.06 -9.23 1.01
CA MET B 56 5.84 -8.45 0.71
C MET B 56 5.77 -7.09 1.40
N MET B 57 6.36 -6.99 2.60
CA MET B 57 6.43 -5.78 3.41
C MET B 57 7.41 -4.73 2.85
N LYS B 58 8.34 -5.15 1.96
CA LYS B 58 9.34 -4.28 1.34
C LYS B 58 9.06 -4.02 -0.16
N LEU B 59 7.81 -4.26 -0.58
CA LEU B 59 7.34 -4.08 -1.95
C LEU B 59 6.05 -3.26 -1.90
N SER B 60 6.14 -1.95 -2.18
CA SER B 60 4.97 -1.08 -2.10
C SER B 60 4.44 -0.60 -3.44
N HIS B 61 3.21 -1.02 -3.76
CA HIS B 61 2.48 -0.63 -4.97
C HIS B 61 0.97 -0.68 -4.69
N PRO B 62 0.17 0.30 -5.19
CA PRO B 62 -1.29 0.27 -4.93
C PRO B 62 -2.04 -0.97 -5.40
N LYS B 63 -1.45 -1.78 -6.31
CA LYS B 63 -2.08 -2.98 -6.85
C LYS B 63 -1.48 -4.31 -6.28
N LEU B 64 -0.86 -4.21 -5.08
CA LEU B 64 -0.30 -5.35 -4.33
C LEU B 64 -0.86 -5.28 -2.92
N VAL B 65 -1.17 -6.46 -2.33
CA VAL B 65 -1.70 -6.57 -0.96
C VAL B 65 -0.69 -6.06 0.08
N GLN B 66 -1.20 -5.48 1.18
CA GLN B 66 -0.34 -4.94 2.24
C GLN B 66 -0.60 -5.65 3.56
N LEU B 67 0.46 -5.82 4.35
CA LEU B 67 0.41 -6.45 5.66
C LEU B 67 0.49 -5.39 6.71
N TYR B 68 -0.07 -5.68 7.87
CA TYR B 68 -0.01 -4.83 9.04
C TYR B 68 1.13 -5.31 9.92
N GLY B 69 1.51 -6.59 9.77
CA GLY B 69 2.60 -7.18 10.51
C GLY B 69 2.54 -8.68 10.73
N VAL B 70 3.46 -9.19 11.57
CA VAL B 70 3.64 -10.61 11.91
C VAL B 70 3.32 -10.92 13.38
N CYS B 71 2.73 -12.10 13.64
CA CYS B 71 2.38 -12.58 14.97
C CYS B 71 3.00 -13.97 15.12
N LEU B 72 4.23 -14.02 15.65
CA LEU B 72 5.03 -15.25 15.76
C LEU B 72 5.29 -15.77 17.18
N GLU B 73 4.90 -15.02 18.23
CA GLU B 73 5.14 -15.42 19.62
C GLU B 73 4.39 -16.69 20.05
N GLN B 74 3.21 -16.97 19.46
CA GLN B 74 2.42 -18.16 19.83
C GLN B 74 1.91 -18.92 18.61
N ALA B 75 2.27 -20.22 18.54
CA ALA B 75 1.88 -21.14 17.48
C ALA B 75 0.39 -21.52 17.62
N PRO B 76 -0.39 -21.63 16.51
CA PRO B 76 0.02 -21.49 15.10
C PRO B 76 0.26 -20.03 14.70
N ILE B 77 1.48 -19.79 14.19
CA ILE B 77 2.02 -18.52 13.70
C ILE B 77 1.10 -17.93 12.60
N CYS B 78 0.89 -16.60 12.61
CA CYS B 78 0.01 -15.96 11.64
C CYS B 78 0.50 -14.61 11.09
N LEU B 79 0.02 -14.23 9.90
CA LEU B 79 0.31 -12.98 9.23
C LEU B 79 -0.97 -12.13 9.21
N VAL B 80 -0.85 -10.85 9.60
CA VAL B 80 -1.97 -9.91 9.69
C VAL B 80 -1.96 -9.04 8.44
N PHE B 81 -2.90 -9.29 7.54
CA PHE B 81 -2.99 -8.54 6.30
C PHE B 81 -4.06 -7.46 6.39
N GLU B 82 -4.16 -6.62 5.35
CA GLU B 82 -5.22 -5.63 5.22
C GLU B 82 -6.46 -6.40 4.73
N PHE B 83 -7.67 -5.89 4.99
CA PHE B 83 -8.87 -6.59 4.55
C PHE B 83 -9.30 -6.20 3.16
N MET B 84 -9.58 -7.21 2.34
CA MET B 84 -10.08 -7.05 0.97
C MET B 84 -11.49 -7.56 1.01
N GLU B 85 -12.44 -6.61 0.97
CA GLU B 85 -13.89 -6.77 1.11
C GLU B 85 -14.53 -7.93 0.33
N HIS B 86 -14.29 -8.01 -1.00
CA HIS B 86 -14.93 -9.00 -1.87
C HIS B 86 -14.15 -10.31 -2.06
N GLY B 87 -13.05 -10.45 -1.33
CA GLY B 87 -12.24 -11.66 -1.34
C GLY B 87 -11.48 -11.88 -2.63
N CYS B 88 -11.09 -13.14 -2.88
CA CYS B 88 -10.32 -13.48 -4.08
C CYS B 88 -11.15 -13.38 -5.35
N LEU B 89 -10.49 -12.93 -6.42
CA LEU B 89 -11.02 -12.67 -7.74
C LEU B 89 -11.71 -13.86 -8.37
N SER B 90 -11.11 -15.06 -8.24
CA SER B 90 -11.67 -16.31 -8.77
C SER B 90 -13.11 -16.50 -8.30
N ASP B 91 -13.32 -16.37 -6.98
CA ASP B 91 -14.62 -16.48 -6.33
C ASP B 91 -15.51 -15.29 -6.66
N TYR B 92 -14.92 -14.07 -6.71
CA TYR B 92 -15.66 -12.85 -7.03
C TYR B 92 -16.25 -12.87 -8.45
N LEU B 93 -15.54 -13.51 -9.42
CA LEU B 93 -15.98 -13.67 -10.80
C LEU B 93 -17.09 -14.72 -10.90
N ARG B 94 -16.95 -15.86 -10.16
CA ARG B 94 -17.94 -16.95 -10.12
C ARG B 94 -19.29 -16.42 -9.63
N THR B 95 -19.31 -15.72 -8.49
CA THR B 95 -20.50 -15.02 -8.01
C THR B 95 -20.47 -13.70 -8.81
N GLN B 96 -21.57 -12.95 -8.93
CA GLN B 96 -21.56 -11.70 -9.74
C GLN B 96 -21.45 -11.96 -11.25
N ARG B 97 -21.45 -13.24 -11.66
CA ARG B 97 -21.39 -13.67 -13.07
C ARG B 97 -22.68 -13.23 -13.76
N GLY B 98 -22.50 -12.55 -14.89
CA GLY B 98 -23.59 -12.00 -15.69
C GLY B 98 -23.98 -10.60 -15.26
N LEU B 99 -23.10 -9.94 -14.48
CA LEU B 99 -23.29 -8.56 -13.98
C LEU B 99 -22.13 -7.64 -14.38
N PHE B 100 -21.01 -8.22 -14.86
CA PHE B 100 -19.82 -7.49 -15.30
C PHE B 100 -19.91 -7.08 -16.77
N ALA B 101 -19.32 -5.91 -17.08
CA ALA B 101 -19.18 -5.37 -18.43
C ALA B 101 -17.73 -5.65 -18.84
N ALA B 102 -17.46 -5.73 -20.17
CA ALA B 102 -16.12 -5.98 -20.72
C ALA B 102 -15.09 -4.90 -20.30
N GLU B 103 -15.57 -3.69 -19.97
CA GLU B 103 -14.77 -2.54 -19.52
C GLU B 103 -14.25 -2.80 -18.10
N THR B 104 -15.12 -3.34 -17.21
CA THR B 104 -14.80 -3.67 -15.83
C THR B 104 -13.73 -4.76 -15.79
N LEU B 105 -13.93 -5.83 -16.59
CA LEU B 105 -13.05 -6.99 -16.68
C LEU B 105 -11.64 -6.61 -17.17
N LEU B 106 -11.56 -5.72 -18.17
CA LEU B 106 -10.29 -5.23 -18.69
C LEU B 106 -9.54 -4.40 -17.63
N GLY B 107 -10.30 -3.65 -16.83
CA GLY B 107 -9.80 -2.83 -15.72
C GLY B 107 -9.17 -3.68 -14.63
N MET B 108 -9.68 -4.93 -14.45
CA MET B 108 -9.17 -5.90 -13.48
C MET B 108 -7.82 -6.44 -13.95
N CYS B 109 -7.71 -6.74 -15.27
CA CYS B 109 -6.50 -7.20 -15.94
C CYS B 109 -5.43 -6.12 -15.85
N LEU B 110 -5.81 -4.84 -16.09
CA LEU B 110 -4.92 -3.68 -15.99
C LEU B 110 -4.36 -3.53 -14.56
N ASP B 111 -5.23 -3.71 -13.53
CA ASP B 111 -4.90 -3.65 -12.10
C ASP B 111 -3.81 -4.68 -11.77
N VAL B 112 -4.00 -5.95 -12.17
CA VAL B 112 -3.05 -7.05 -11.97
C VAL B 112 -1.74 -6.78 -12.73
N CYS B 113 -1.86 -6.34 -14.00
CA CYS B 113 -0.72 -6.03 -14.87
C CYS B 113 0.15 -4.89 -14.30
N GLU B 114 -0.46 -3.92 -13.58
CA GLU B 114 0.26 -2.82 -12.94
C GLU B 114 1.16 -3.37 -11.83
N GLY B 115 0.58 -4.22 -10.97
CA GLY B 115 1.27 -4.86 -9.87
C GLY B 115 2.40 -5.75 -10.34
N MET B 116 2.11 -6.55 -11.38
CA MET B 116 3.06 -7.45 -12.01
C MET B 116 4.22 -6.71 -12.69
N ALA B 117 3.93 -5.56 -13.34
CA ALA B 117 4.97 -4.72 -13.97
C ALA B 117 5.97 -4.24 -12.93
N TYR B 118 5.48 -3.93 -11.71
CA TYR B 118 6.27 -3.49 -10.56
C TYR B 118 7.16 -4.64 -10.03
N LEU B 119 6.57 -5.84 -9.81
CA LEU B 119 7.32 -7.00 -9.35
C LEU B 119 8.35 -7.42 -10.40
N GLU B 120 8.01 -7.24 -11.70
CA GLU B 120 8.88 -7.51 -12.84
C GLU B 120 10.12 -6.59 -12.75
N GLU B 121 9.91 -5.30 -12.40
CA GLU B 121 10.99 -4.31 -12.24
C GLU B 121 11.78 -4.63 -10.96
N ALA B 122 11.09 -5.13 -9.93
CA ALA B 122 11.68 -5.51 -8.65
C ALA B 122 12.40 -6.88 -8.73
N CYS B 123 12.36 -7.54 -9.91
CA CYS B 123 12.91 -8.87 -10.21
C CYS B 123 12.33 -9.98 -9.33
N VAL B 124 11.10 -9.74 -8.85
CA VAL B 124 10.31 -10.64 -8.02
C VAL B 124 9.46 -11.49 -8.96
N ILE B 125 9.57 -12.82 -8.82
CA ILE B 125 8.83 -13.79 -9.63
C ILE B 125 7.67 -14.32 -8.77
N HIS B 126 6.42 -14.20 -9.29
CA HIS B 126 5.24 -14.69 -8.57
C HIS B 126 5.21 -16.23 -8.46
N ARG B 127 5.36 -16.94 -9.61
CA ARG B 127 5.36 -18.40 -9.80
C ARG B 127 3.97 -19.06 -9.71
N ASP B 128 2.93 -18.32 -9.24
CA ASP B 128 1.57 -18.84 -9.07
C ASP B 128 0.47 -17.79 -9.35
N LEU B 129 0.68 -16.97 -10.37
CA LEU B 129 -0.27 -15.92 -10.76
C LEU B 129 -1.54 -16.54 -11.37
N ALA B 130 -2.67 -16.40 -10.67
CA ALA B 130 -4.00 -16.90 -11.04
C ALA B 130 -5.04 -16.01 -10.33
N ALA B 131 -6.32 -16.05 -10.79
CA ALA B 131 -7.42 -15.24 -10.22
C ALA B 131 -7.65 -15.55 -8.74
N ARG B 132 -7.35 -16.78 -8.32
CA ARG B 132 -7.45 -17.25 -6.94
C ARG B 132 -6.43 -16.56 -6.02
N ASN B 133 -5.32 -16.04 -6.60
CA ASN B 133 -4.26 -15.36 -5.86
C ASN B 133 -4.34 -13.81 -5.95
N CYS B 134 -5.47 -13.30 -6.49
CA CYS B 134 -5.76 -11.88 -6.61
C CYS B 134 -6.95 -11.58 -5.73
N LEU B 135 -6.94 -10.40 -5.08
CA LEU B 135 -8.02 -10.00 -4.18
C LEU B 135 -8.72 -8.72 -4.63
N VAL B 136 -10.04 -8.68 -4.42
CA VAL B 136 -10.94 -7.58 -4.78
C VAL B 136 -11.31 -6.84 -3.49
N GLY B 137 -11.20 -5.52 -3.51
CA GLY B 137 -11.51 -4.69 -2.36
C GLY B 137 -12.50 -3.59 -2.62
N GLU B 138 -12.21 -2.38 -2.08
CA GLU B 138 -13.02 -1.17 -2.20
C GLU B 138 -13.04 -0.69 -3.65
N ASN B 139 -14.27 -0.55 -4.20
CA ASN B 139 -14.57 -0.09 -5.56
C ASN B 139 -13.84 -0.90 -6.65
N GLN B 140 -14.04 -2.23 -6.63
CA GLN B 140 -13.52 -3.22 -7.61
C GLN B 140 -11.99 -3.25 -7.81
N VAL B 141 -11.21 -2.64 -6.91
CA VAL B 141 -9.75 -2.62 -7.05
C VAL B 141 -9.16 -4.01 -6.87
N ILE B 142 -8.31 -4.42 -7.82
CA ILE B 142 -7.65 -5.72 -7.77
C ILE B 142 -6.20 -5.57 -7.33
N LYS B 143 -5.84 -6.27 -6.26
CA LYS B 143 -4.50 -6.31 -5.72
C LYS B 143 -3.99 -7.75 -5.81
N VAL B 144 -2.70 -7.91 -6.10
CA VAL B 144 -2.09 -9.24 -6.17
C VAL B 144 -1.67 -9.63 -4.76
N SER B 145 -1.65 -10.95 -4.47
CA SER B 145 -1.19 -11.52 -3.21
C SER B 145 -0.35 -12.77 -3.49
N ASP B 146 0.34 -13.30 -2.46
CA ASP B 146 1.19 -14.50 -2.50
C ASP B 146 2.40 -14.35 -3.45
N PHE B 147 3.07 -13.19 -3.37
CA PHE B 147 4.23 -12.85 -4.21
C PHE B 147 5.57 -12.74 -3.43
N GLY B 148 5.73 -13.56 -2.37
CA GLY B 148 6.93 -13.55 -1.55
C GLY B 148 7.75 -14.84 -1.53
N MET B 149 7.74 -15.61 -2.64
CA MET B 149 8.52 -16.86 -2.72
C MET B 149 9.03 -17.14 -4.12
N PRO B 167 -1.41 -26.41 -10.43
CA PRO B 167 -1.00 -25.12 -11.00
C PRO B 167 -0.52 -25.24 -12.46
N VAL B 168 -0.56 -26.47 -13.02
CA VAL B 168 -0.15 -26.82 -14.39
C VAL B 168 -0.95 -26.04 -15.45
N LYS B 169 -2.24 -25.76 -15.16
CA LYS B 169 -3.15 -25.01 -16.04
C LYS B 169 -2.75 -23.52 -16.21
N TRP B 170 -1.77 -23.04 -15.39
CA TRP B 170 -1.23 -21.68 -15.44
C TRP B 170 0.25 -21.67 -15.80
N ALA B 171 0.86 -22.87 -15.86
CA ALA B 171 2.28 -23.07 -16.15
C ALA B 171 2.64 -22.96 -17.63
N SER B 172 3.79 -22.32 -17.91
CA SER B 172 4.32 -22.15 -19.26
C SER B 172 5.11 -23.43 -19.67
N PRO B 173 5.35 -23.71 -20.97
CA PRO B 173 6.09 -24.94 -21.34
C PRO B 173 7.45 -25.16 -20.67
N GLU B 174 8.22 -24.09 -20.40
CA GLU B 174 9.52 -24.18 -19.71
C GLU B 174 9.32 -24.58 -18.25
N VAL B 175 8.15 -24.23 -17.66
CA VAL B 175 7.79 -24.57 -16.28
C VAL B 175 7.32 -26.05 -16.22
N PHE B 176 6.50 -26.50 -17.21
CA PHE B 176 6.01 -27.89 -17.32
C PHE B 176 7.16 -28.89 -17.30
N SER B 177 8.12 -28.68 -18.21
CA SER B 177 9.23 -29.57 -18.51
C SER B 177 10.53 -29.31 -17.77
N PHE B 178 10.83 -28.04 -17.43
CA PHE B 178 12.13 -27.72 -16.83
C PHE B 178 12.08 -26.82 -15.58
N SER B 179 10.87 -26.40 -15.13
CA SER B 179 10.65 -25.51 -13.97
C SER B 179 11.41 -24.17 -14.10
N ARG B 180 11.51 -23.66 -15.33
CA ARG B 180 12.22 -22.42 -15.63
C ARG B 180 11.33 -21.20 -15.37
N TYR B 181 11.29 -20.77 -14.10
CA TYR B 181 10.50 -19.62 -13.67
C TYR B 181 11.22 -18.32 -14.03
N SER B 182 10.44 -17.33 -14.47
CA SER B 182 10.88 -15.98 -14.85
C SER B 182 9.66 -15.07 -14.89
N SER B 183 9.86 -13.76 -15.15
CA SER B 183 8.76 -12.82 -15.30
C SER B 183 7.94 -13.20 -16.55
N LYS B 184 8.59 -13.80 -17.57
CA LYS B 184 7.93 -14.29 -18.79
C LYS B 184 7.07 -15.53 -18.50
N SER B 185 7.40 -16.30 -17.44
CA SER B 185 6.61 -17.44 -16.98
C SER B 185 5.32 -16.89 -16.37
N ASP B 186 5.45 -15.75 -15.63
CA ASP B 186 4.32 -15.05 -15.00
C ASP B 186 3.43 -14.44 -16.06
N VAL B 187 4.02 -14.05 -17.21
CA VAL B 187 3.30 -13.50 -18.35
C VAL B 187 2.32 -14.54 -18.89
N TRP B 188 2.75 -15.81 -19.08
CA TRP B 188 1.88 -16.92 -19.52
C TRP B 188 0.69 -17.05 -18.56
N SER B 189 0.99 -17.06 -17.24
CA SER B 189 0.04 -17.14 -16.12
C SER B 189 -0.97 -16.00 -16.19
N PHE B 190 -0.50 -14.77 -16.51
CA PHE B 190 -1.35 -13.60 -16.67
C PHE B 190 -2.32 -13.79 -17.85
N GLY B 191 -1.83 -14.38 -18.93
CA GLY B 191 -2.63 -14.69 -20.11
C GLY B 191 -3.80 -15.57 -19.73
N VAL B 192 -3.53 -16.59 -18.88
CA VAL B 192 -4.52 -17.53 -18.35
C VAL B 192 -5.46 -16.79 -17.37
N LEU B 193 -4.91 -15.94 -16.46
CA LEU B 193 -5.66 -15.14 -15.50
C LEU B 193 -6.67 -14.27 -16.25
N MET B 194 -6.25 -13.69 -17.40
CA MET B 194 -7.06 -12.87 -18.30
C MET B 194 -8.23 -13.70 -18.85
N TRP B 195 -7.96 -14.99 -19.22
CA TRP B 195 -8.96 -15.92 -19.72
C TRP B 195 -10.00 -16.12 -18.61
N GLU B 196 -9.53 -16.38 -17.38
CA GLU B 196 -10.36 -16.54 -16.18
C GLU B 196 -11.24 -15.30 -15.94
N VAL B 197 -10.68 -14.09 -16.15
CA VAL B 197 -11.38 -12.83 -15.96
C VAL B 197 -12.48 -12.66 -17.02
N PHE B 198 -12.15 -12.83 -18.31
CA PHE B 198 -13.11 -12.66 -19.39
C PHE B 198 -14.10 -13.83 -19.53
N SER B 199 -13.80 -14.99 -18.91
CA SER B 199 -14.72 -16.13 -18.92
C SER B 199 -15.51 -16.22 -17.59
N GLU B 200 -15.48 -15.13 -16.80
CA GLU B 200 -16.17 -14.90 -15.52
C GLU B 200 -15.95 -16.03 -14.49
N GLY B 201 -14.68 -16.35 -14.22
CA GLY B 201 -14.29 -17.33 -13.23
C GLY B 201 -14.33 -18.78 -13.64
N LYS B 202 -14.48 -19.08 -14.94
CA LYS B 202 -14.48 -20.47 -15.44
C LYS B 202 -13.09 -21.11 -15.25
N ILE B 203 -13.05 -22.45 -15.27
CA ILE B 203 -11.80 -23.17 -15.08
C ILE B 203 -11.08 -23.39 -16.40
N PRO B 204 -9.80 -22.96 -16.50
CA PRO B 204 -9.04 -23.21 -17.75
C PRO B 204 -8.85 -24.72 -17.91
N TYR B 205 -9.07 -25.27 -19.14
CA TYR B 205 -8.94 -26.70 -19.48
C TYR B 205 -9.85 -27.57 -18.58
N GLU B 206 -11.16 -27.23 -18.54
CA GLU B 206 -12.28 -27.78 -17.76
C GLU B 206 -12.11 -29.26 -17.25
N ASN B 207 -12.31 -30.27 -18.12
CA ASN B 207 -12.22 -31.69 -17.72
C ASN B 207 -10.95 -32.36 -18.26
N ARG B 208 -9.86 -31.58 -18.35
CA ARG B 208 -8.57 -31.99 -18.87
C ARG B 208 -7.60 -32.36 -17.76
N SER B 209 -6.76 -33.36 -18.01
CA SER B 209 -5.75 -33.82 -17.06
C SER B 209 -4.46 -33.04 -17.29
N ASN B 210 -3.51 -33.10 -16.34
CA ASN B 210 -2.21 -32.42 -16.43
C ASN B 210 -1.39 -32.89 -17.64
N SER B 211 -1.51 -34.17 -18.02
CA SER B 211 -0.85 -34.79 -19.16
C SER B 211 -1.43 -34.29 -20.49
N GLU B 212 -2.77 -34.12 -20.53
CA GLU B 212 -3.53 -33.66 -21.69
C GLU B 212 -3.25 -32.20 -21.99
N VAL B 213 -3.08 -31.37 -20.93
CA VAL B 213 -2.77 -29.94 -21.01
C VAL B 213 -1.35 -29.76 -21.56
N VAL B 214 -0.38 -30.55 -21.04
CA VAL B 214 1.03 -30.55 -21.47
C VAL B 214 1.13 -30.90 -22.97
N GLU B 215 0.38 -31.93 -23.43
CA GLU B 215 0.40 -32.34 -24.85
C GLU B 215 -0.32 -31.37 -25.79
N ASP B 216 -1.51 -30.85 -25.39
CA ASP B 216 -2.28 -29.90 -26.21
C ASP B 216 -1.51 -28.61 -26.49
N ILE B 217 -0.89 -28.00 -25.45
CA ILE B 217 -0.07 -26.78 -25.57
C ILE B 217 1.19 -27.04 -26.43
N SER B 218 1.89 -28.18 -26.21
CA SER B 218 3.09 -28.59 -26.94
C SER B 218 2.80 -28.87 -28.43
N THR B 219 1.53 -29.17 -28.78
CA THR B 219 1.11 -29.43 -30.15
C THR B 219 0.61 -28.14 -30.84
N GLY B 220 0.58 -27.04 -30.07
CA GLY B 220 0.19 -25.71 -30.57
C GLY B 220 -1.16 -25.18 -30.16
N PHE B 221 -1.94 -25.98 -29.39
CA PHE B 221 -3.29 -25.61 -28.94
C PHE B 221 -3.27 -24.64 -27.77
N ARG B 222 -4.26 -23.74 -27.75
CA ARG B 222 -4.41 -22.72 -26.70
C ARG B 222 -5.89 -22.53 -26.40
N LEU B 223 -6.19 -21.98 -25.21
CA LEU B 223 -7.54 -21.72 -24.73
C LEU B 223 -8.35 -20.93 -25.75
N TYR B 224 -9.63 -21.30 -25.95
CA TYR B 224 -10.53 -20.61 -26.89
C TYR B 224 -10.83 -19.18 -26.42
N LYS B 225 -11.30 -18.33 -27.34
CA LYS B 225 -11.66 -16.95 -27.02
C LYS B 225 -12.95 -16.89 -26.18
N PRO B 226 -12.90 -16.28 -24.96
CA PRO B 226 -14.13 -16.16 -24.15
C PRO B 226 -15.11 -15.20 -24.83
N ARG B 227 -16.42 -15.51 -24.74
CA ARG B 227 -17.54 -14.73 -25.29
C ARG B 227 -17.39 -13.20 -25.10
N LEU B 228 -17.14 -12.75 -23.86
CA LEU B 228 -17.00 -11.34 -23.49
C LEU B 228 -15.70 -10.69 -23.96
N ALA B 229 -14.66 -11.51 -24.22
CA ALA B 229 -13.38 -11.00 -24.71
C ALA B 229 -13.49 -10.64 -26.18
N SER B 230 -12.92 -9.51 -26.57
CA SER B 230 -12.93 -9.05 -27.96
C SER B 230 -11.83 -9.75 -28.77
N THR B 231 -11.73 -9.44 -30.07
CA THR B 231 -10.67 -10.00 -30.91
C THR B 231 -9.32 -9.41 -30.44
N HIS B 232 -9.32 -8.10 -30.11
CA HIS B 232 -8.20 -7.33 -29.59
C HIS B 232 -7.66 -7.90 -28.26
N VAL B 233 -8.56 -8.29 -27.33
CA VAL B 233 -8.23 -8.88 -26.02
C VAL B 233 -7.54 -10.25 -26.20
N TYR B 234 -8.14 -11.14 -27.01
CA TYR B 234 -7.65 -12.50 -27.32
C TYR B 234 -6.27 -12.47 -27.95
N GLN B 235 -6.00 -11.43 -28.77
CA GLN B 235 -4.71 -11.19 -29.43
C GLN B 235 -3.61 -11.02 -28.36
N ILE B 236 -3.90 -10.24 -27.29
CA ILE B 236 -2.98 -9.98 -26.17
C ILE B 236 -2.76 -11.28 -25.37
N MET B 237 -3.84 -12.05 -25.11
CA MET B 237 -3.80 -13.35 -24.42
C MET B 237 -2.84 -14.30 -25.15
N ASN B 238 -2.92 -14.30 -26.50
CA ASN B 238 -2.09 -15.13 -27.37
C ASN B 238 -0.64 -14.64 -27.46
N HIS B 239 -0.38 -13.37 -27.08
CA HIS B 239 0.98 -12.83 -27.04
C HIS B 239 1.64 -13.37 -25.76
N CYS B 240 0.83 -13.58 -24.70
CA CYS B 240 1.28 -14.17 -23.44
C CYS B 240 1.49 -15.67 -23.61
N TRP B 241 0.82 -16.29 -24.60
CA TRP B 241 0.94 -17.73 -24.82
C TRP B 241 1.86 -18.10 -25.99
N LYS B 242 2.95 -17.33 -26.17
CA LYS B 242 3.94 -17.65 -27.19
C LYS B 242 4.82 -18.78 -26.64
N GLU B 243 5.10 -19.81 -27.44
CA GLU B 243 5.92 -20.99 -27.05
C GLU B 243 7.22 -20.56 -26.36
N ARG B 244 7.99 -19.68 -27.02
CA ARG B 244 9.25 -19.15 -26.50
C ARG B 244 8.97 -17.94 -25.60
N PRO B 245 9.69 -17.81 -24.45
CA PRO B 245 9.46 -16.66 -23.56
C PRO B 245 9.93 -15.31 -24.13
N GLU B 246 10.92 -15.32 -25.04
CA GLU B 246 11.46 -14.11 -25.68
C GLU B 246 10.47 -13.47 -26.66
N ASP B 247 9.39 -14.18 -27.00
CA ASP B 247 8.35 -13.70 -27.91
C ASP B 247 7.13 -13.19 -27.14
N ARG B 248 7.12 -13.41 -25.81
CA ARG B 248 6.09 -12.94 -24.91
C ARG B 248 6.46 -11.53 -24.48
N PRO B 249 5.50 -10.58 -24.40
CA PRO B 249 5.87 -9.23 -23.97
C PRO B 249 6.08 -9.17 -22.47
N ALA B 250 6.99 -8.28 -22.02
CA ALA B 250 7.23 -8.05 -20.61
C ALA B 250 6.01 -7.31 -20.09
N PHE B 251 5.68 -7.46 -18.81
CA PHE B 251 4.54 -6.79 -18.19
C PHE B 251 4.50 -5.28 -18.46
N SER B 252 5.67 -4.59 -18.45
CA SER B 252 5.76 -3.16 -18.75
C SER B 252 5.17 -2.82 -20.12
N ARG B 253 5.42 -3.66 -21.16
CA ARG B 253 4.84 -3.47 -22.50
C ARG B 253 3.35 -3.85 -22.51
N LEU B 254 3.01 -5.01 -21.89
CA LEU B 254 1.66 -5.57 -21.77
C LEU B 254 0.61 -4.56 -21.28
N LEU B 255 0.97 -3.82 -20.21
CA LEU B 255 0.16 -2.78 -19.54
C LEU B 255 -0.29 -1.69 -20.51
N ARG B 256 0.61 -1.24 -21.40
CA ARG B 256 0.34 -0.23 -22.41
C ARG B 256 -0.53 -0.80 -23.53
N GLN B 257 -0.36 -2.10 -23.85
CA GLN B 257 -1.15 -2.78 -24.89
C GLN B 257 -2.60 -2.91 -24.44
N LEU B 258 -2.82 -3.17 -23.12
CA LEU B 258 -4.14 -3.30 -22.52
C LEU B 258 -4.84 -1.95 -22.42
N ALA B 259 -4.09 -0.89 -22.08
CA ALA B 259 -4.57 0.48 -21.98
C ALA B 259 -4.92 1.04 -23.36
N GLU B 260 -4.18 0.62 -24.41
CA GLU B 260 -4.38 1.00 -25.82
C GLU B 260 -5.78 0.57 -26.31
N ILE B 261 -6.27 -0.58 -25.81
CA ILE B 261 -7.57 -1.17 -26.13
C ILE B 261 -8.68 -0.59 -25.23
N ALA B 262 -8.32 -0.13 -24.02
CA ALA B 262 -9.24 0.44 -23.03
C ALA B 262 -9.90 1.74 -23.48
N GLU B 263 -9.11 2.76 -23.85
CA GLU B 263 -9.59 4.09 -24.28
C GLU B 263 -10.13 4.12 -25.72
N SER B 264 -9.90 3.04 -26.51
CA SER B 264 -10.37 2.93 -27.90
C SER B 264 -11.38 1.78 -28.07
N GLY B 265 -11.70 1.46 -29.32
CA GLY B 265 -12.65 0.39 -29.68
C GLY B 265 -12.21 -0.40 -30.89
S SO4 C . 5.80 16.62 -17.44
O1 SO4 C . 5.16 16.39 -18.73
O2 SO4 C . 5.68 18.04 -17.06
O3 SO4 C . 7.22 16.27 -17.53
O4 SO4 C . 5.17 15.79 -16.42
S SO4 D . 2.40 20.61 -16.10
O1 SO4 D . 2.62 21.87 -15.38
O2 SO4 D . 0.97 20.29 -16.11
O3 SO4 D . 3.15 19.55 -15.44
O4 SO4 D . 2.87 20.75 -17.48
C1 2VT E . 1.35 14.37 -2.04
C2 2VT E . 1.62 13.01 -2.18
C3 2VT E . 0.62 12.11 -2.45
C4 2VT E . -0.70 12.56 -2.57
C5 2VT E . -0.98 13.96 -2.44
C6 2VT E . 0.07 14.85 -2.18
C7 2VT E . -2.44 14.05 -2.63
N8 2VT E . -2.86 12.82 -2.85
N9 2VT E . -1.91 11.96 -2.81
C11 2VT E . -3.29 15.28 -2.58
O12 2VT E . -2.73 16.36 -2.54
N13 2VT E . -4.65 15.17 -2.58
C14 2VT E . -5.55 16.26 -2.53
C15 2VT E . -5.24 17.63 -2.39
N16 2VT E . -6.34 18.32 -2.37
N17 2VT E . -7.41 17.44 -2.50
C18 2VT E . -6.92 16.18 -2.59
C19 2VT E . -8.83 17.84 -2.51
C20 2VT E . -9.30 17.86 -3.93
C21 2VT E . -9.13 19.00 -4.71
C22 2VT E . -9.56 19.02 -6.03
C23 2VT E . -10.14 17.87 -6.59
C24 2VT E . -10.32 16.73 -5.80
C25 2VT E . -9.89 16.71 -4.47
C26 2VT E . -10.93 15.55 -6.37
N27 2VT E . -11.42 14.63 -6.80
C1 2VT F . -5.22 -13.18 2.15
C2 2VT F . -4.39 -12.05 2.29
C3 2VT F . -4.93 -10.80 2.40
C4 2VT F . -6.32 -10.63 2.39
C5 2VT F . -7.17 -11.77 2.25
C6 2VT F . -6.59 -13.05 2.13
C7 2VT F . -8.53 -11.22 2.26
N8 2VT F . -8.39 -9.92 2.41
N9 2VT F . -7.16 -9.56 2.46
C11 2VT F . -9.82 -11.95 2.15
O12 2VT F . -9.76 -13.17 2.11
N13 2VT F . -11.01 -11.30 2.12
C14 2VT F . -12.30 -11.92 2.04
C15 2VT F . -12.57 -13.31 1.95
N16 2VT F . -13.86 -13.49 1.88
N17 2VT F . -14.49 -12.24 1.92
C18 2VT F . -13.51 -11.30 2.01
C19 2VT F . -15.93 -12.03 1.84
C20 2VT F . -16.48 -11.80 3.23
C21 2VT F . -16.93 -12.88 4.00
C22 2VT F . -17.42 -12.67 5.29
C23 2VT F . -17.45 -11.39 5.81
C24 2VT F . -16.98 -10.29 5.04
C25 2VT F . -16.50 -10.51 3.74
C26 2VT F . -17.02 -8.96 5.57
N27 2VT F . -17.05 -7.90 5.98
#